data_6UMS
#
_entry.id   6UMS
#
_cell.length_a   98.548
_cell.length_b   104.368
_cell.length_c   124.441
_cell.angle_alpha   90.000
_cell.angle_beta   90.000
_cell.angle_gamma   90.000
#
_symmetry.space_group_name_H-M   'C 2 2 21'
#
loop_
_entity.id
_entity.type
_entity.pdbx_description
1 polymer MavC
2 polymer 'Ubiquitin-conjugating enzyme E2 N'
3 polymer Ubiquitin
4 water water
#
loop_
_entity_poly.entity_id
_entity_poly.type
_entity_poly.pdbx_seq_one_letter_code
_entity_poly.pdbx_strand_id
1 'polypeptide(L)'
;GPLGSMTTSKLEKTGLHVHEKIKHMVKNYGTMITGIPAEILGQNEAEISVGYVKKMGNMKENIAEVVRKSEMTQPTNSAG
KASNEVCDLLLGTEGASEFEKSSYQVLSGDGSNLKGSLPNKNLLVRVEMDRFNAPQKYQKIKREEFNPETAEKNKIYLLE
DQLVYLDIFGKVIDLGQTSDTCHRLFNAITTPFYQNYILYDEYIDPEESAEEAAMFEMGEIVKAKMKNIDCWTATHSFTI
FVPESDSEDTRTLYPYQAYWTSHTLQQWFSGDKDEKLSRLGIDGYIEKLALLGTTTDSKIRSSIYGELFSPPGKEHVFCT
GMNEKFSPLRVKFKVTEVNPEIALQNLEEVQEFIDTNYPGENAKDQCELYKIKAQEAMTKQLEMRLLIE
;
A
2 'polypeptide(L)'
;MAGLPRRIIKETQRLLAEPVPGIKAEPDESNARYFHVVIAGPQDSPFEGGTFKLELFLPEEYPMAAPKVRFMTKIYHPNV
DKLGRICLDILKDKWSPALQIRTVLLSIQALLSAPNPDDPLANDVAEQWKTNEAQAIETARAWTRLYAMNNI
;
C
3 'polypeptide(L)' MQIFVKTLTGKTITLEVEPSDTIENVKAKIQDKEGIPPDQQRLIFAGKQLEDGRTLSDYNIQKESTLHLVLRLRGC E
#
# COMPACT_ATOMS: atom_id res chain seq x y z
N LYS A 13 -17.55 33.80 6.82
CA LYS A 13 -16.66 32.86 6.15
C LYS A 13 -15.72 32.20 7.15
N THR A 14 -16.14 31.07 7.71
CA THR A 14 -15.39 30.39 8.75
C THR A 14 -14.48 29.33 8.14
N GLY A 15 -13.57 28.83 8.98
CA GLY A 15 -12.81 27.65 8.60
C GLY A 15 -13.67 26.41 8.54
N LEU A 16 -14.73 26.35 9.35
CA LEU A 16 -15.65 25.21 9.32
C LEU A 16 -16.37 25.15 7.98
N HIS A 17 -16.80 26.30 7.45
CA HIS A 17 -17.40 26.33 6.12
C HIS A 17 -16.46 25.77 5.07
N VAL A 18 -15.14 25.97 5.25
CA VAL A 18 -14.17 25.42 4.31
C VAL A 18 -14.18 23.89 4.39
N HIS A 19 -14.30 23.34 5.58
CA HIS A 19 -14.37 21.89 5.73
C HIS A 19 -15.61 21.34 5.03
N GLU A 20 -16.76 21.96 5.27
CA GLU A 20 -18.01 21.47 4.70
C GLU A 20 -18.00 21.57 3.18
N LYS A 21 -17.37 22.60 2.61
CA LYS A 21 -17.39 22.77 1.17
C LYS A 21 -16.53 21.72 0.46
N ILE A 22 -15.31 21.50 0.95
CA ILE A 22 -14.44 20.53 0.30
C ILE A 22 -14.97 19.12 0.51
N LYS A 23 -15.56 18.83 1.67
CA LYS A 23 -16.18 17.53 1.88
C LYS A 23 -17.35 17.33 0.93
N HIS A 24 -18.20 18.35 0.77
CA HIS A 24 -19.35 18.26 -0.11
C HIS A 24 -18.93 18.05 -1.56
N MET A 25 -17.91 18.77 -2.01
CA MET A 25 -17.53 18.71 -3.43
C MET A 25 -16.79 17.42 -3.77
N VAL A 26 -15.92 16.94 -2.88
CA VAL A 26 -15.24 15.67 -3.14
C VAL A 26 -16.25 14.53 -3.14
N LYS A 27 -17.21 14.55 -2.20
CA LYS A 27 -18.24 13.52 -2.18
C LYS A 27 -19.05 13.52 -3.47
N ASN A 28 -19.36 14.71 -4.00
CA ASN A 28 -20.23 14.80 -5.17
C ASN A 28 -19.48 14.60 -6.48
N TYR A 29 -18.21 15.01 -6.56
CA TYR A 29 -17.51 15.07 -7.83
C TYR A 29 -16.29 14.15 -7.93
N GLY A 30 -15.72 13.72 -6.81
CA GLY A 30 -14.62 12.77 -6.87
C GLY A 30 -13.42 13.35 -7.59
N THR A 31 -13.04 12.73 -8.70
CA THR A 31 -11.83 13.11 -9.41
C THR A 31 -11.95 14.47 -10.09
N MET A 32 -13.17 14.95 -10.33
CA MET A 32 -13.36 16.24 -10.99
C MET A 32 -12.95 17.41 -10.12
N ILE A 33 -12.67 17.18 -8.83
CA ILE A 33 -12.23 18.24 -7.93
C ILE A 33 -10.87 18.81 -8.35
N THR A 34 -10.12 18.07 -9.16
CA THR A 34 -8.82 18.52 -9.63
C THR A 34 -8.89 19.49 -10.81
N GLY A 35 -10.06 19.64 -11.42
CA GLY A 35 -10.22 20.60 -12.50
C GLY A 35 -9.52 20.23 -13.80
N ILE A 36 -9.26 18.96 -14.03
CA ILE A 36 -8.59 18.50 -15.25
C ILE A 36 -9.64 18.29 -16.33
N PRO A 37 -9.44 18.82 -17.54
CA PRO A 37 -10.38 18.55 -18.63
C PRO A 37 -10.47 17.06 -18.92
N ALA A 38 -11.69 16.57 -19.16
CA ALA A 38 -11.91 15.14 -19.35
C ALA A 38 -11.19 14.61 -20.58
N GLU A 39 -11.00 15.47 -21.60
CA GLU A 39 -10.30 15.04 -22.80
C GLU A 39 -8.85 14.67 -22.49
N ILE A 40 -8.22 15.40 -21.56
CA ILE A 40 -6.84 15.12 -21.22
C ILE A 40 -6.72 13.80 -20.47
N LEU A 41 -7.62 13.55 -19.53
CA LEU A 41 -7.63 12.26 -18.85
C LEU A 41 -7.78 11.11 -19.84
N GLY A 42 -8.69 11.27 -20.81
CA GLY A 42 -8.89 10.22 -21.79
C GLY A 42 -7.72 10.04 -22.72
N GLN A 43 -7.08 11.14 -23.12
CA GLN A 43 -5.92 11.05 -23.99
C GLN A 43 -4.73 10.41 -23.28
N ASN A 44 -4.49 10.80 -22.03
CA ASN A 44 -3.37 10.23 -21.29
C ASN A 44 -3.63 8.76 -20.95
N GLU A 45 -4.87 8.42 -20.58
CA GLU A 45 -5.20 7.02 -20.36
C GLU A 45 -5.10 6.22 -21.66
N ALA A 46 -5.30 6.88 -22.81
CA ALA A 46 -5.21 6.20 -24.09
C ALA A 46 -3.77 5.78 -24.39
N GLU A 47 -2.83 6.73 -24.30
CA GLU A 47 -1.44 6.39 -24.58
C GLU A 47 -0.89 5.39 -23.59
N ILE A 48 -1.44 5.35 -22.37
CA ILE A 48 -1.03 4.35 -21.38
C ILE A 48 -1.55 2.98 -21.77
N SER A 49 -2.79 2.90 -22.24
CA SER A 49 -3.48 1.63 -22.46
C SER A 49 -3.39 1.13 -23.89
N VAL A 50 -2.62 1.81 -24.75
CA VAL A 50 -2.54 1.38 -26.14
C VAL A 50 -1.88 0.01 -26.28
N GLY A 51 -1.06 -0.40 -25.31
CA GLY A 51 -0.45 -1.71 -25.38
C GLY A 51 -1.39 -2.85 -25.02
N TYR A 52 -2.40 -2.58 -24.21
CA TYR A 52 -3.32 -3.61 -23.74
C TYR A 52 -4.42 -3.92 -24.75
N VAL A 53 -4.35 -3.35 -25.96
CA VAL A 53 -5.39 -3.58 -26.96
C VAL A 53 -5.09 -4.88 -27.70
N LYS A 54 -6.10 -5.74 -27.82
CA LYS A 54 -5.95 -7.03 -28.48
C LYS A 54 -5.96 -6.84 -29.99
N LYS A 55 -4.85 -7.17 -30.64
CA LYS A 55 -4.75 -7.01 -32.07
C LYS A 55 -4.87 -8.31 -32.84
N MET A 56 -6.02 -8.96 -32.73
CA MET A 56 -6.24 -10.23 -33.42
C MET A 56 -7.47 -10.21 -34.31
N GLY A 57 -8.63 -9.93 -33.73
CA GLY A 57 -9.89 -9.89 -34.45
C GLY A 57 -10.31 -8.48 -34.79
N ASN A 58 -11.59 -8.19 -34.56
CA ASN A 58 -12.12 -6.85 -34.79
C ASN A 58 -11.45 -5.80 -33.94
N MET A 59 -10.64 -4.95 -34.56
CA MET A 59 -9.88 -3.97 -33.80
C MET A 59 -10.76 -2.85 -33.25
N LYS A 60 -11.80 -2.46 -33.99
CA LYS A 60 -12.71 -1.42 -33.51
C LYS A 60 -13.42 -1.86 -32.23
N GLU A 61 -13.82 -3.13 -32.18
CA GLU A 61 -14.43 -3.66 -30.96
C GLU A 61 -13.38 -3.96 -29.89
N ASN A 62 -12.15 -4.29 -30.30
CA ASN A 62 -11.10 -4.56 -29.33
C ASN A 62 -10.64 -3.29 -28.63
N ILE A 63 -10.75 -2.14 -29.29
CA ILE A 63 -10.41 -0.87 -28.64
C ILE A 63 -11.49 -0.51 -27.63
N ALA A 64 -12.77 -0.70 -28.00
CA ALA A 64 -13.86 -0.44 -27.05
C ALA A 64 -13.79 -1.37 -25.85
N GLU A 65 -13.18 -2.54 -26.02
CA GLU A 65 -13.00 -3.46 -24.90
C GLU A 65 -12.09 -2.86 -23.84
N VAL A 66 -11.09 -2.08 -24.26
CA VAL A 66 -10.21 -1.41 -23.32
C VAL A 66 -10.88 -0.19 -22.71
N VAL A 67 -11.68 0.53 -23.51
CA VAL A 67 -12.34 1.73 -23.01
C VAL A 67 -13.39 1.39 -21.98
N ARG A 68 -14.12 0.27 -22.19
CA ARG A 68 -15.19 -0.08 -21.26
C ARG A 68 -14.65 -0.40 -19.87
N LYS A 69 -13.50 -1.07 -19.79
CA LYS A 69 -12.88 -1.43 -18.53
C LYS A 69 -11.97 -0.33 -17.98
N SER A 70 -12.11 0.90 -18.48
CA SER A 70 -11.26 2.00 -18.06
C SER A 70 -11.61 2.45 -16.65
N GLU A 71 -10.65 3.11 -16.00
CA GLU A 71 -10.84 3.66 -14.66
C GLU A 71 -10.29 5.08 -14.56
N MET A 72 -10.13 5.77 -15.69
CA MET A 72 -9.50 7.09 -15.69
C MET A 72 -10.31 8.13 -14.92
N THR A 73 -11.60 7.92 -14.74
CA THR A 73 -12.43 8.86 -13.99
C THR A 73 -12.66 8.42 -12.55
N GLN A 74 -12.22 7.23 -12.16
CA GLN A 74 -12.26 6.91 -10.75
C GLN A 74 -11.15 7.65 -10.01
N PRO A 75 -11.41 8.13 -8.80
CA PRO A 75 -10.44 9.01 -8.13
C PRO A 75 -9.17 8.27 -7.75
N THR A 76 -8.09 9.05 -7.60
CA THR A 76 -6.84 8.51 -7.11
C THR A 76 -7.04 7.88 -5.73
N ASN A 77 -6.28 6.81 -5.47
CA ASN A 77 -6.23 6.24 -4.13
C ASN A 77 -4.84 6.34 -3.53
N SER A 78 -3.94 7.12 -4.14
CA SER A 78 -2.65 7.40 -3.53
C SER A 78 -2.82 8.44 -2.43
N ALA A 79 -2.34 8.11 -1.22
CA ALA A 79 -2.48 9.02 -0.10
C ALA A 79 -1.74 10.33 -0.35
N GLY A 80 -0.57 10.28 -1.00
CA GLY A 80 0.19 11.49 -1.27
C GLY A 80 -0.51 12.41 -2.25
N LYS A 81 -1.05 11.86 -3.33
CA LYS A 81 -1.78 12.67 -4.29
C LYS A 81 -2.99 13.33 -3.64
N ALA A 82 -3.68 12.62 -2.77
CA ALA A 82 -4.81 13.20 -2.06
C ALA A 82 -4.38 14.37 -1.20
N SER A 83 -3.27 14.23 -0.48
CA SER A 83 -2.75 15.34 0.31
C SER A 83 -2.34 16.52 -0.57
N ASN A 84 -1.82 16.24 -1.77
CA ASN A 84 -1.46 17.32 -2.68
C ASN A 84 -2.69 18.10 -3.11
N GLU A 85 -3.82 17.42 -3.30
CA GLU A 85 -5.03 18.11 -3.73
C GLU A 85 -5.64 18.93 -2.60
N VAL A 86 -5.57 18.43 -1.36
CA VAL A 86 -6.09 19.18 -0.22
C VAL A 86 -5.33 20.48 -0.06
N CYS A 87 -3.99 20.41 -0.09
CA CYS A 87 -3.17 21.61 0.04
C CYS A 87 -3.40 22.61 -1.08
N ASP A 88 -3.55 22.10 -2.30
CA ASP A 88 -3.80 22.99 -3.43
C ASP A 88 -5.10 23.78 -3.24
N LEU A 89 -6.13 23.14 -2.70
CA LEU A 89 -7.41 23.82 -2.56
C LEU A 89 -7.40 24.78 -1.37
N LEU A 90 -6.85 24.36 -0.23
CA LEU A 90 -6.90 25.20 0.96
C LEU A 90 -5.87 26.33 0.92
N LEU A 91 -4.72 26.11 0.29
CA LEU A 91 -3.64 27.09 0.29
C LEU A 91 -3.40 27.75 -1.06
N GLY A 92 -3.96 27.22 -2.14
CA GLY A 92 -3.65 27.72 -3.46
C GLY A 92 -2.35 27.11 -4.00
N THR A 93 -2.23 27.16 -5.33
CA THR A 93 -1.06 26.60 -5.99
C THR A 93 0.24 27.15 -5.41
N GLU A 94 0.33 28.47 -5.29
CA GLU A 94 1.55 29.09 -4.77
C GLU A 94 1.73 28.78 -3.29
N GLY A 95 0.64 28.81 -2.52
CA GLY A 95 0.75 28.53 -1.10
C GLY A 95 1.14 27.09 -0.81
N ALA A 96 0.63 26.15 -1.62
CA ALA A 96 1.01 24.76 -1.46
C ALA A 96 2.49 24.55 -1.77
N SER A 97 2.98 25.19 -2.84
CA SER A 97 4.38 25.04 -3.21
C SER A 97 5.31 25.59 -2.12
N GLU A 98 4.88 26.63 -1.41
CA GLU A 98 5.67 27.10 -0.28
C GLU A 98 5.55 26.16 0.92
N PHE A 99 4.40 25.50 1.08
CA PHE A 99 4.21 24.60 2.21
C PHE A 99 5.12 23.38 2.11
N GLU A 100 5.35 22.88 0.89
CA GLU A 100 6.23 21.72 0.76
C GLU A 100 7.69 22.09 0.91
N LYS A 101 8.04 23.37 0.83
CA LYS A 101 9.40 23.80 1.15
C LYS A 101 9.67 23.74 2.64
N SER A 102 8.62 23.77 3.47
CA SER A 102 8.79 23.56 4.90
C SER A 102 9.30 22.15 5.16
N SER A 103 9.92 21.98 6.31
CA SER A 103 10.51 20.70 6.69
C SER A 103 9.66 20.02 7.76
N TYR A 104 9.57 18.70 7.68
CA TYR A 104 8.81 17.92 8.64
C TYR A 104 9.51 17.91 10.00
N GLN A 105 8.72 17.74 11.06
CA GLN A 105 9.22 17.52 12.40
C GLN A 105 8.76 16.15 12.88
N VAL A 106 9.68 15.41 13.50
CA VAL A 106 9.31 14.12 14.07
C VAL A 106 8.40 14.34 15.27
N LEU A 107 7.27 13.64 15.28
CA LEU A 107 6.34 13.76 16.39
C LEU A 107 6.96 13.22 17.67
N SER A 108 6.75 13.95 18.77
CA SER A 108 7.33 13.57 20.05
C SER A 108 6.64 12.32 20.60
N GLY A 109 7.21 11.77 21.67
CA GLY A 109 6.67 10.56 22.26
C GLY A 109 5.22 10.71 22.71
N ASP A 110 4.88 11.89 23.22
CA ASP A 110 3.52 12.17 23.64
C ASP A 110 2.77 13.06 22.66
N GLY A 111 3.45 13.58 21.64
CA GLY A 111 2.83 14.50 20.71
C GLY A 111 2.76 15.94 21.18
N SER A 112 3.60 16.33 22.14
CA SER A 112 3.53 17.68 22.68
C SER A 112 3.89 18.73 21.63
N ASN A 113 4.87 18.44 20.78
CA ASN A 113 5.28 19.44 19.79
C ASN A 113 4.17 19.71 18.77
N LEU A 114 3.29 18.74 18.54
CA LEU A 114 2.16 18.99 17.66
C LEU A 114 0.99 19.62 18.41
N LYS A 115 0.72 19.17 19.64
CA LYS A 115 -0.30 19.82 20.45
C LYS A 115 0.01 21.28 20.68
N GLY A 116 1.30 21.64 20.75
CA GLY A 116 1.74 23.00 20.95
C GLY A 116 1.94 23.81 19.70
N SER A 117 1.48 23.30 18.54
CA SER A 117 1.54 24.01 17.26
C SER A 117 0.17 24.22 16.64
N LEU A 118 -0.87 24.29 17.46
CA LEU A 118 -2.23 24.58 17.01
C LEU A 118 -2.82 25.68 17.91
N PRO A 119 -2.44 26.96 17.67
CA PRO A 119 -2.84 28.06 18.55
C PRO A 119 -4.20 28.68 18.24
N ASN A 120 -5.22 27.83 18.15
CA ASN A 120 -6.62 28.23 17.90
C ASN A 120 -6.72 29.15 16.68
N LYS A 121 -6.16 28.71 15.57
CA LYS A 121 -6.30 29.38 14.29
C LYS A 121 -6.63 28.36 13.22
N ASN A 122 -7.08 28.83 12.06
CA ASN A 122 -7.35 27.96 10.94
C ASN A 122 -6.03 27.38 10.43
N LEU A 123 -5.81 26.10 10.69
CA LEU A 123 -4.53 25.46 10.43
C LEU A 123 -4.70 24.22 9.57
N LEU A 124 -3.71 23.96 8.73
CA LEU A 124 -3.61 22.73 7.97
C LEU A 124 -2.35 21.98 8.40
N VAL A 125 -2.53 20.74 8.83
CA VAL A 125 -1.41 19.87 9.17
C VAL A 125 -1.25 18.86 8.04
N ARG A 126 -0.02 18.68 7.57
CA ARG A 126 0.32 17.61 6.66
C ARG A 126 1.20 16.61 7.39
N VAL A 127 0.92 15.32 7.19
CA VAL A 127 1.61 14.26 7.90
C VAL A 127 2.24 13.30 6.91
N GLU A 128 3.48 12.92 7.16
CA GLU A 128 4.15 11.83 6.47
C GLU A 128 4.61 10.82 7.51
N MET A 129 4.23 9.56 7.32
CA MET A 129 4.61 8.49 8.23
C MET A 129 5.55 7.53 7.53
N ASP A 130 6.67 7.22 8.17
CA ASP A 130 7.65 6.28 7.65
C ASP A 130 7.57 4.96 8.39
N ARG A 131 7.89 3.88 7.68
CA ARG A 131 8.11 2.58 8.28
C ARG A 131 9.58 2.21 8.14
N PHE A 132 10.14 1.61 9.18
CA PHE A 132 11.52 1.15 9.15
C PHE A 132 11.57 -0.20 8.44
N ASN A 133 12.18 -0.24 7.27
CA ASN A 133 12.22 -1.44 6.44
C ASN A 133 13.62 -2.04 6.51
N ALA A 134 13.92 -2.66 7.64
CA ALA A 134 15.22 -3.29 7.85
C ALA A 134 15.29 -4.62 7.12
N PRO A 135 16.48 -5.07 6.74
CA PRO A 135 16.61 -6.36 6.07
C PRO A 135 16.24 -7.52 6.98
N GLN A 136 15.69 -8.57 6.37
CA GLN A 136 15.37 -9.80 7.09
C GLN A 136 15.97 -11.03 6.44
N LYS A 137 16.66 -10.89 5.30
CA LYS A 137 17.28 -11.99 4.60
C LYS A 137 18.77 -11.76 4.46
N TYR A 138 19.52 -12.85 4.32
CA TYR A 138 20.95 -12.80 4.08
C TYR A 138 21.30 -13.85 3.04
N GLN A 139 22.52 -13.75 2.51
CA GLN A 139 23.03 -14.80 1.64
C GLN A 139 24.55 -14.77 1.66
N LYS A 140 25.14 -15.96 1.66
CA LYS A 140 26.57 -16.10 1.44
C LYS A 140 26.85 -16.02 -0.06
N ILE A 141 27.85 -15.23 -0.43
CA ILE A 141 28.18 -15.05 -1.84
C ILE A 141 29.67 -14.75 -1.94
N LYS A 142 30.29 -15.21 -3.02
CA LYS A 142 31.68 -14.90 -3.30
C LYS A 142 31.77 -13.54 -3.99
N ARG A 143 32.84 -12.81 -3.68
CA ARG A 143 33.00 -11.46 -4.21
C ARG A 143 32.95 -11.43 -5.74
N GLU A 144 33.44 -12.48 -6.39
CA GLU A 144 33.46 -12.51 -7.85
C GLU A 144 32.05 -12.59 -8.44
N GLU A 145 31.10 -13.15 -7.70
CA GLU A 145 29.74 -13.32 -8.17
C GLU A 145 28.78 -12.27 -7.64
N PHE A 146 29.26 -11.33 -6.82
CA PHE A 146 28.40 -10.33 -6.19
C PHE A 146 28.34 -9.09 -7.08
N ASN A 147 27.20 -8.89 -7.73
CA ASN A 147 26.97 -7.70 -8.55
C ASN A 147 25.91 -6.84 -7.87
N PRO A 148 26.28 -5.71 -7.27
CA PRO A 148 25.27 -4.90 -6.56
C PRO A 148 24.16 -4.36 -7.46
N GLU A 149 24.44 -4.19 -8.76
CA GLU A 149 23.42 -3.61 -9.64
C GLU A 149 22.28 -4.59 -9.90
N THR A 150 22.55 -5.89 -9.87
CA THR A 150 21.54 -6.89 -10.18
C THR A 150 21.08 -7.70 -8.97
N ALA A 151 21.84 -7.71 -7.87
CA ALA A 151 21.51 -8.53 -6.73
C ALA A 151 20.27 -8.01 -6.01
N GLU A 152 19.68 -8.88 -5.20
CA GLU A 152 18.48 -8.52 -4.46
C GLU A 152 18.78 -7.42 -3.44
N LYS A 153 17.97 -6.37 -3.46
CA LYS A 153 18.18 -5.22 -2.60
C LYS A 153 17.56 -5.44 -1.22
N ASN A 154 17.96 -4.59 -0.27
CA ASN A 154 17.53 -4.68 1.12
C ASN A 154 17.85 -6.07 1.69
N LYS A 155 19.13 -6.41 1.62
CA LYS A 155 19.58 -7.76 1.94
C LYS A 155 21.00 -7.69 2.48
N ILE A 156 21.32 -8.60 3.39
CA ILE A 156 22.67 -8.78 3.89
C ILE A 156 23.41 -9.74 2.98
N TYR A 157 24.68 -9.44 2.71
CA TYR A 157 25.54 -10.32 1.92
C TYR A 157 26.80 -10.61 2.72
N LEU A 158 27.02 -11.88 3.03
CA LEU A 158 28.17 -12.31 3.81
C LEU A 158 29.22 -12.85 2.84
N LEU A 159 30.24 -12.05 2.57
CA LEU A 159 31.36 -12.48 1.76
C LEU A 159 32.44 -13.08 2.65
N GLU A 160 33.44 -13.71 2.02
CA GLU A 160 34.51 -14.33 2.77
C GLU A 160 35.41 -13.33 3.47
N ASP A 161 35.30 -12.04 3.14
CA ASP A 161 36.16 -11.04 3.76
C ASP A 161 35.41 -9.78 4.18
N GLN A 162 34.07 -9.75 4.05
CA GLN A 162 33.34 -8.53 4.34
C GLN A 162 31.87 -8.87 4.60
N LEU A 163 31.25 -8.10 5.48
CA LEU A 163 29.82 -8.17 5.72
C LEU A 163 29.19 -6.85 5.29
N VAL A 164 28.29 -6.91 4.31
CA VAL A 164 27.72 -5.70 3.73
C VAL A 164 26.20 -5.76 3.77
N TYR A 165 25.61 -4.58 3.66
CA TYR A 165 24.17 -4.41 3.50
C TYR A 165 23.94 -3.70 2.17
N LEU A 166 23.15 -4.32 1.29
CA LEU A 166 22.80 -3.74 0.01
C LEU A 166 21.48 -3.00 0.16
N ASP A 167 21.53 -1.66 0.20
CA ASP A 167 20.34 -0.89 0.52
C ASP A 167 19.42 -0.82 -0.70
N ILE A 168 18.29 -0.13 -0.53
CA ILE A 168 17.26 -0.08 -1.58
C ILE A 168 17.68 0.76 -2.77
N PHE A 169 18.78 1.51 -2.67
CA PHE A 169 19.32 2.27 -3.78
C PHE A 169 20.47 1.55 -4.46
N GLY A 170 20.71 0.28 -4.12
CA GLY A 170 21.78 -0.49 -4.73
C GLY A 170 23.16 -0.09 -4.29
N LYS A 171 23.30 0.49 -3.10
CA LYS A 171 24.59 0.91 -2.57
C LYS A 171 25.11 -0.12 -1.57
N VAL A 172 26.41 -0.35 -1.62
CA VAL A 172 27.06 -1.30 -0.71
C VAL A 172 27.39 -0.57 0.58
N ILE A 173 26.74 -0.98 1.67
CA ILE A 173 26.94 -0.38 2.99
C ILE A 173 27.73 -1.37 3.85
N ASP A 174 28.93 -0.97 4.26
CA ASP A 174 29.77 -1.84 5.08
C ASP A 174 29.27 -1.88 6.51
N LEU A 175 29.28 -3.06 7.11
CA LEU A 175 28.80 -3.28 8.47
C LEU A 175 29.94 -3.48 9.46
N GLY A 176 31.14 -2.98 9.15
CA GLY A 176 32.20 -2.83 10.12
C GLY A 176 32.82 -4.11 10.65
N GLN A 177 32.81 -5.19 9.87
CA GLN A 177 33.42 -6.43 10.29
C GLN A 177 34.75 -6.64 9.57
N THR A 178 35.68 -7.28 10.28
CA THR A 178 36.99 -7.56 9.72
C THR A 178 36.95 -8.82 8.86
N SER A 179 38.01 -9.01 8.07
CA SER A 179 38.09 -10.19 7.23
C SER A 179 38.17 -11.47 8.07
N ASP A 180 38.93 -11.43 9.17
CA ASP A 180 39.01 -12.60 10.04
C ASP A 180 37.65 -13.00 10.57
N THR A 181 36.82 -12.02 10.94
CA THR A 181 35.49 -12.31 11.45
C THR A 181 34.61 -12.91 10.38
N CYS A 182 34.54 -12.27 9.22
CA CYS A 182 33.69 -12.76 8.14
C CYS A 182 34.17 -14.09 7.60
N HIS A 183 35.49 -14.30 7.55
CA HIS A 183 36.03 -15.59 7.15
C HIS A 183 35.55 -16.70 8.08
N ARG A 184 35.44 -16.41 9.38
CA ARG A 184 34.95 -17.41 10.32
C ARG A 184 33.47 -17.68 10.11
N LEU A 185 32.67 -16.61 9.96
CA LEU A 185 31.24 -16.78 9.72
C LEU A 185 31.00 -17.48 8.39
N PHE A 186 31.64 -16.99 7.33
CA PHE A 186 31.47 -17.57 5.99
C PHE A 186 31.74 -19.07 5.99
N ASN A 187 32.77 -19.52 6.72
CA ASN A 187 33.14 -20.92 6.72
C ASN A 187 32.34 -21.76 7.71
N ALA A 188 31.66 -21.13 8.68
CA ALA A 188 30.88 -21.89 9.65
C ALA A 188 29.49 -22.21 9.13
N ILE A 189 28.96 -21.41 8.20
CA ILE A 189 27.62 -21.62 7.66
C ILE A 189 27.77 -22.47 6.41
N THR A 190 27.55 -23.77 6.55
CA THR A 190 27.80 -24.73 5.47
C THR A 190 26.58 -25.51 5.00
N THR A 191 25.51 -25.54 5.78
CA THR A 191 24.30 -26.25 5.34
C THR A 191 23.77 -25.61 4.06
N PRO A 192 23.51 -26.41 3.01
CA PRO A 192 23.06 -25.81 1.74
C PRO A 192 21.83 -24.94 1.86
N PHE A 193 20.88 -25.31 2.73
CA PHE A 193 19.67 -24.50 2.89
C PHE A 193 19.93 -23.18 3.59
N TYR A 194 21.10 -23.00 4.21
CA TYR A 194 21.40 -21.79 4.95
C TYR A 194 22.33 -20.84 4.22
N GLN A 195 22.72 -21.18 2.98
CA GLN A 195 23.53 -20.25 2.20
C GLN A 195 22.75 -19.00 1.83
N ASN A 196 21.48 -19.17 1.45
CA ASN A 196 20.58 -18.07 1.08
C ASN A 196 19.34 -18.23 1.96
N TYR A 197 19.34 -17.60 3.13
CA TYR A 197 18.32 -17.86 4.14
C TYR A 197 17.83 -16.55 4.76
N ILE A 198 17.42 -16.61 6.03
CA ILE A 198 16.81 -15.49 6.70
C ILE A 198 17.64 -15.12 7.93
N LEU A 199 17.51 -13.87 8.34
CA LEU A 199 18.03 -13.44 9.63
C LEU A 199 16.98 -13.69 10.71
N TYR A 200 17.45 -13.85 11.95
CA TYR A 200 16.57 -13.91 13.11
C TYR A 200 15.61 -15.10 13.05
N ASP A 201 16.13 -16.26 12.64
CA ASP A 201 15.36 -17.48 12.77
C ASP A 201 15.10 -17.78 14.24
N GLU A 202 13.88 -18.19 14.55
CA GLU A 202 13.52 -18.47 15.95
C GLU A 202 14.08 -19.78 16.45
N TYR A 203 14.46 -20.69 15.56
CA TYR A 203 14.90 -22.03 15.92
C TYR A 203 16.42 -22.19 15.89
N ILE A 204 17.17 -21.10 15.67
CA ILE A 204 18.62 -21.15 15.67
C ILE A 204 19.10 -21.14 17.12
N ASP A 205 19.56 -22.29 17.60
CA ASP A 205 20.12 -22.39 18.96
C ASP A 205 21.64 -22.31 18.87
N PRO A 206 22.26 -21.21 19.33
CA PRO A 206 23.72 -21.08 19.19
C PRO A 206 24.53 -22.06 20.04
N GLU A 207 23.88 -22.83 20.92
CA GLU A 207 24.58 -23.79 21.76
C GLU A 207 24.45 -25.23 21.27
N GLU A 208 23.90 -25.42 20.07
CA GLU A 208 23.77 -26.75 19.49
C GLU A 208 24.73 -27.01 18.34
N SER A 209 25.38 -25.98 17.80
CA SER A 209 26.28 -26.14 16.66
C SER A 209 27.09 -24.87 16.49
N ALA A 210 28.20 -25.00 15.77
CA ALA A 210 29.00 -23.84 15.38
C ALA A 210 28.36 -23.07 14.23
N GLU A 211 27.53 -23.73 13.43
CA GLU A 211 26.83 -23.02 12.36
C GLU A 211 25.74 -22.11 12.91
N GLU A 212 24.88 -22.65 13.78
CA GLU A 212 23.83 -21.84 14.39
C GLU A 212 24.41 -20.74 15.27
N ALA A 213 25.54 -20.99 15.93
CA ALA A 213 26.19 -19.94 16.70
C ALA A 213 26.63 -18.80 15.79
N ALA A 214 27.19 -19.12 14.63
CA ALA A 214 27.62 -18.09 13.70
C ALA A 214 26.43 -17.34 13.11
N MET A 215 25.34 -18.05 12.84
CA MET A 215 24.15 -17.40 12.29
C MET A 215 23.51 -16.45 13.31
N PHE A 216 23.42 -16.88 14.57
CA PHE A 216 22.91 -15.99 15.60
C PHE A 216 23.82 -14.79 15.80
N GLU A 217 25.14 -15.01 15.76
CA GLU A 217 26.08 -13.91 15.91
C GLU A 217 25.94 -12.89 14.78
N MET A 218 25.80 -13.37 13.54
CA MET A 218 25.60 -12.47 12.42
C MET A 218 24.32 -11.66 12.59
N GLY A 219 23.25 -12.30 13.05
CA GLY A 219 22.01 -11.58 13.29
C GLY A 219 22.17 -10.46 14.31
N GLU A 220 22.96 -10.70 15.35
CA GLU A 220 23.18 -9.66 16.36
C GLU A 220 24.01 -8.51 15.80
N ILE A 221 25.00 -8.82 14.97
CA ILE A 221 25.80 -7.77 14.33
C ILE A 221 24.91 -6.90 13.45
N VAL A 222 24.04 -7.54 12.66
CA VAL A 222 23.20 -6.80 11.72
C VAL A 222 22.18 -5.93 12.48
N LYS A 223 21.60 -6.46 13.55
CA LYS A 223 20.64 -5.68 14.32
C LYS A 223 21.27 -4.45 14.93
N ALA A 224 22.52 -4.56 15.39
CA ALA A 224 23.19 -3.43 16.02
C ALA A 224 23.60 -2.37 14.99
N LYS A 225 24.05 -2.81 13.80
CA LYS A 225 24.42 -1.85 12.77
C LYS A 225 23.20 -1.22 12.12
N MET A 226 22.11 -1.97 11.99
CA MET A 226 20.92 -1.45 11.30
C MET A 226 20.19 -0.39 12.10
N LYS A 227 20.40 -0.33 13.41
CA LYS A 227 19.79 0.72 14.21
C LYS A 227 20.31 2.10 13.82
N ASN A 228 21.49 2.18 13.19
CA ASN A 228 22.09 3.44 12.82
C ASN A 228 22.05 3.69 11.31
N ILE A 229 21.31 2.88 10.56
CA ILE A 229 21.22 3.02 9.11
C ILE A 229 19.79 3.43 8.77
N ASP A 230 19.67 4.46 7.92
CA ASP A 230 18.37 4.98 7.53
C ASP A 230 17.61 4.01 6.64
N CYS A 231 16.80 3.15 7.25
CA CYS A 231 15.90 2.26 6.52
C CYS A 231 14.48 2.81 6.46
N TRP A 232 14.30 4.08 6.82
CA TRP A 232 12.98 4.71 6.83
C TRP A 232 12.52 4.99 5.41
N THR A 233 11.32 4.50 5.07
CA THR A 233 10.69 4.81 3.80
C THR A 233 9.26 5.28 4.08
N ALA A 234 8.86 6.34 3.40
CA ALA A 234 7.51 6.88 3.59
C ALA A 234 6.48 5.85 3.15
N THR A 235 5.51 5.58 4.02
CA THR A 235 4.49 4.58 3.77
C THR A 235 3.07 5.13 3.75
N HIS A 236 2.84 6.32 4.32
CA HIS A 236 1.50 6.87 4.35
C HIS A 236 1.58 8.38 4.45
N SER A 237 0.52 9.04 3.96
CA SER A 237 0.41 10.48 3.98
C SER A 237 -1.06 10.84 4.20
N PHE A 238 -1.29 11.98 4.86
CA PHE A 238 -2.63 12.52 5.01
C PHE A 238 -2.52 13.95 5.50
N THR A 239 -3.67 14.58 5.68
CA THR A 239 -3.74 15.94 6.19
C THR A 239 -4.79 16.02 7.30
N ILE A 240 -4.61 16.97 8.19
CA ILE A 240 -5.56 17.25 9.26
C ILE A 240 -5.92 18.72 9.19
N PHE A 241 -7.22 19.01 9.11
CA PHE A 241 -7.71 20.38 9.07
C PHE A 241 -8.26 20.73 10.45
N VAL A 242 -7.68 21.75 11.08
CA VAL A 242 -8.07 22.16 12.42
C VAL A 242 -8.66 23.56 12.36
N PRO A 243 -9.96 23.71 12.17
CA PRO A 243 -10.55 25.04 12.03
C PRO A 243 -10.52 25.81 13.34
N GLU A 244 -10.72 27.12 13.22
CA GLU A 244 -10.85 27.98 14.39
C GLU A 244 -12.13 27.65 15.14
N SER A 245 -12.08 27.75 16.46
CA SER A 245 -13.24 27.50 17.31
C SER A 245 -13.50 28.70 18.21
N ASP A 246 -14.75 28.81 18.64
CA ASP A 246 -15.13 29.85 19.59
C ASP A 246 -14.45 29.62 20.94
N SER A 247 -14.72 28.48 21.56
CA SER A 247 -14.11 28.14 22.82
C SER A 247 -12.83 27.33 22.60
N GLU A 248 -11.99 27.30 23.64
CA GLU A 248 -10.83 26.43 23.64
C GLU A 248 -11.18 24.97 23.77
N ASP A 249 -12.37 24.67 24.30
CA ASP A 249 -12.86 23.32 24.41
C ASP A 249 -13.81 22.89 23.31
N THR A 250 -14.06 23.75 22.33
CA THR A 250 -14.89 23.39 21.18
C THR A 250 -14.08 23.05 19.95
N ARG A 251 -12.76 23.18 19.99
CA ARG A 251 -11.95 23.00 18.81
C ARG A 251 -11.79 21.51 18.48
N THR A 252 -11.97 21.18 17.22
CA THR A 252 -11.82 19.81 16.74
C THR A 252 -11.03 19.83 15.44
N LEU A 253 -10.51 18.66 15.07
CA LEU A 253 -9.74 18.50 13.86
C LEU A 253 -10.46 17.54 12.90
N TYR A 254 -10.02 17.53 11.66
CA TYR A 254 -10.64 16.67 10.65
C TYR A 254 -9.57 16.04 9.76
N PRO A 255 -9.33 14.73 9.88
CA PRO A 255 -8.30 14.09 9.06
C PRO A 255 -8.85 13.72 7.68
N TYR A 256 -8.08 14.04 6.65
CA TYR A 256 -8.41 13.72 5.26
C TYR A 256 -7.36 12.76 4.72
N GLN A 257 -7.82 11.68 4.08
CA GLN A 257 -6.85 10.74 3.52
C GLN A 257 -7.48 9.87 2.45
N ALA A 258 -6.64 9.42 1.53
CA ALA A 258 -6.86 8.23 0.71
C ALA A 258 -5.85 7.18 1.14
N TYR A 259 -6.02 5.95 0.65
CA TYR A 259 -5.08 4.88 1.01
C TYR A 259 -4.90 3.94 -0.16
N TRP A 260 -3.64 3.78 -0.59
CA TRP A 260 -3.24 3.03 -1.77
C TRP A 260 -4.03 1.74 -1.98
N THR A 261 -3.99 0.85 -0.99
CA THR A 261 -4.59 -0.48 -1.13
C THR A 261 -6.05 -0.52 -0.74
N SER A 262 -6.69 0.61 -0.48
CA SER A 262 -7.97 0.54 0.23
C SER A 262 -9.05 1.48 -0.29
N HIS A 263 -8.80 2.79 -0.32
CA HIS A 263 -9.92 3.71 -0.52
C HIS A 263 -9.44 5.05 -1.05
N THR A 264 -10.40 5.85 -1.49
CA THR A 264 -10.21 7.22 -1.95
C THR A 264 -10.67 8.20 -0.88
N LEU A 265 -10.33 9.48 -1.09
CA LEU A 265 -10.82 10.53 -0.21
C LEU A 265 -12.34 10.66 -0.30
N GLN A 266 -12.91 10.41 -1.47
CA GLN A 266 -14.36 10.43 -1.63
C GLN A 266 -15.03 9.37 -0.75
N GLN A 267 -14.45 8.17 -0.69
CA GLN A 267 -15.01 7.12 0.14
C GLN A 267 -14.80 7.42 1.62
N TRP A 268 -13.62 7.95 1.97
CA TRP A 268 -13.36 8.45 3.31
C TRP A 268 -14.44 9.42 3.75
N PHE A 269 -14.68 10.46 2.94
CA PHE A 269 -15.70 11.45 3.26
C PHE A 269 -17.09 10.84 3.28
N SER A 270 -17.38 9.95 2.32
CA SER A 270 -18.69 9.33 2.25
C SER A 270 -18.99 8.49 3.49
N GLY A 271 -17.96 7.92 4.10
CA GLY A 271 -18.11 7.17 5.34
C GLY A 271 -18.04 7.98 6.60
N ASP A 272 -17.89 9.30 6.49
CA ASP A 272 -17.87 10.23 7.63
C ASP A 272 -16.73 9.94 8.60
N LYS A 273 -15.67 9.25 8.16
CA LYS A 273 -14.60 8.93 9.09
C LYS A 273 -13.87 10.17 9.57
N ASP A 274 -13.87 11.24 8.78
CA ASP A 274 -13.30 12.51 9.24
C ASP A 274 -14.03 13.00 10.49
N GLU A 275 -15.36 12.88 10.52
CA GLU A 275 -16.12 13.32 11.68
C GLU A 275 -16.05 12.32 12.82
N LYS A 276 -16.01 11.02 12.53
CA LYS A 276 -15.89 10.02 13.58
C LYS A 276 -14.59 10.19 14.36
N LEU A 277 -13.48 10.42 13.64
CA LEU A 277 -12.21 10.67 14.31
C LEU A 277 -12.19 12.04 14.97
N SER A 278 -12.92 13.01 14.40
CA SER A 278 -13.01 14.33 15.00
C SER A 278 -13.59 14.27 16.42
N ARG A 279 -14.45 13.28 16.67
CA ARG A 279 -15.06 13.14 17.99
C ARG A 279 -14.09 12.62 19.04
N LEU A 280 -12.91 12.13 18.64
CA LEU A 280 -11.90 11.73 19.60
C LEU A 280 -11.31 12.90 20.36
N GLY A 281 -11.58 14.13 19.94
CA GLY A 281 -10.93 15.29 20.50
C GLY A 281 -9.53 15.49 19.93
N ILE A 282 -9.02 16.71 20.11
CA ILE A 282 -7.70 17.03 19.58
C ILE A 282 -6.62 16.31 20.37
N ASP A 283 -6.73 16.31 21.70
CA ASP A 283 -5.75 15.61 22.53
C ASP A 283 -5.91 14.10 22.42
N GLY A 284 -7.14 13.62 22.19
CA GLY A 284 -7.34 12.19 22.04
C GLY A 284 -6.75 11.65 20.76
N TYR A 285 -6.98 12.36 19.65
CA TYR A 285 -6.42 11.93 18.37
C TYR A 285 -4.89 11.97 18.39
N ILE A 286 -4.32 13.03 18.96
CA ILE A 286 -2.86 13.14 19.02
C ILE A 286 -2.27 12.05 19.91
N GLU A 287 -2.97 11.69 20.98
CA GLU A 287 -2.46 10.67 21.89
C GLU A 287 -2.29 9.33 21.18
N LYS A 288 -3.28 8.93 20.39
CA LYS A 288 -3.17 7.68 19.64
C LYS A 288 -2.11 7.78 18.55
N LEU A 289 -2.09 8.91 17.83
CA LEU A 289 -1.09 9.10 16.78
C LEU A 289 0.32 9.07 17.36
N ALA A 290 0.52 9.67 18.53
CA ALA A 290 1.82 9.64 19.17
C ALA A 290 2.16 8.24 19.65
N LEU A 291 1.16 7.52 20.18
CA LEU A 291 1.40 6.15 20.65
C LEU A 291 1.76 5.23 19.50
N LEU A 292 1.29 5.55 18.28
CA LEU A 292 1.58 4.70 17.13
C LEU A 292 3.08 4.63 16.85
N GLY A 293 3.79 5.73 17.08
CA GLY A 293 5.22 5.76 16.83
C GLY A 293 6.10 5.38 18.01
N THR A 294 5.52 5.20 19.19
CA THR A 294 6.30 4.90 20.39
C THR A 294 6.13 3.48 20.91
N THR A 295 5.00 2.84 20.64
CA THR A 295 4.76 1.51 21.17
C THR A 295 5.69 0.49 20.51
N THR A 296 6.06 -0.53 21.29
CA THR A 296 6.81 -1.67 20.79
C THR A 296 5.95 -2.92 20.67
N ASP A 297 4.68 -2.83 21.04
CA ASP A 297 3.73 -3.93 20.91
C ASP A 297 3.11 -3.86 19.53
N SER A 298 3.46 -4.81 18.65
CA SER A 298 2.94 -4.81 17.30
C SER A 298 1.42 -4.97 17.26
N LYS A 299 0.83 -5.57 18.29
CA LYS A 299 -0.63 -5.68 18.33
C LYS A 299 -1.27 -4.32 18.62
N ILE A 300 -0.71 -3.56 19.57
CA ILE A 300 -1.18 -2.21 19.81
C ILE A 300 -0.93 -1.33 18.60
N ARG A 301 0.25 -1.47 17.99
CA ARG A 301 0.56 -0.70 16.78
C ARG A 301 -0.43 -0.99 15.67
N SER A 302 -0.85 -2.25 15.53
CA SER A 302 -1.77 -2.61 14.47
C SER A 302 -3.15 -2.01 14.70
N SER A 303 -3.68 -2.12 15.91
CA SER A 303 -5.04 -1.66 16.18
C SER A 303 -5.15 -0.15 16.11
N ILE A 304 -4.10 0.57 16.55
CA ILE A 304 -4.10 2.02 16.41
C ILE A 304 -4.01 2.41 14.93
N TYR A 305 -3.16 1.73 14.18
CA TYR A 305 -3.07 1.96 12.74
C TYR A 305 -4.41 1.69 12.06
N GLY A 306 -5.08 0.61 12.45
CA GLY A 306 -6.39 0.32 11.89
C GLY A 306 -7.43 1.35 12.29
N GLU A 307 -7.42 1.75 13.57
CA GLU A 307 -8.41 2.72 14.03
C GLU A 307 -8.29 4.05 13.31
N LEU A 308 -7.06 4.51 13.09
CA LEU A 308 -6.86 5.85 12.54
C LEU A 308 -6.96 5.86 11.02
N PHE A 309 -6.45 4.84 10.34
CA PHE A 309 -6.19 4.92 8.92
C PHE A 309 -6.96 3.91 8.06
N SER A 310 -7.72 3.01 8.66
CA SER A 310 -8.50 2.09 7.85
C SER A 310 -9.71 2.80 7.24
N PRO A 311 -10.26 2.26 6.15
CA PRO A 311 -11.54 2.74 5.68
C PRO A 311 -12.62 2.45 6.72
N PRO A 312 -13.69 3.23 6.74
CA PRO A 312 -14.73 3.05 7.78
C PRO A 312 -15.31 1.65 7.74
N GLY A 313 -15.23 0.96 8.88
CA GLY A 313 -15.77 -0.37 9.02
C GLY A 313 -14.76 -1.49 8.99
N LYS A 314 -13.51 -1.21 8.62
CA LYS A 314 -12.46 -2.22 8.54
C LYS A 314 -11.37 -2.01 9.58
N GLU A 315 -11.70 -1.32 10.69
CA GLU A 315 -10.69 -1.00 11.69
C GLU A 315 -10.14 -2.25 12.37
N HIS A 316 -10.93 -3.32 12.45
CA HIS A 316 -10.51 -4.53 13.16
C HIS A 316 -9.82 -5.53 12.26
N VAL A 317 -9.96 -5.41 10.94
CA VAL A 317 -9.36 -6.34 9.99
C VAL A 317 -8.27 -5.69 9.14
N PHE A 318 -7.98 -4.41 9.36
CA PHE A 318 -7.09 -3.69 8.47
C PHE A 318 -5.64 -4.16 8.62
N CYS A 319 -5.21 -4.44 9.85
CA CYS A 319 -3.82 -4.76 10.15
C CYS A 319 -3.72 -6.04 10.99
N THR A 320 -4.40 -7.09 10.55
CA THR A 320 -4.28 -8.40 11.16
C THR A 320 -3.58 -9.37 10.22
N GLY A 321 -3.15 -10.50 10.78
CA GLY A 321 -2.52 -11.53 9.98
C GLY A 321 -1.30 -11.01 9.25
N MET A 322 -1.34 -11.10 7.91
CA MET A 322 -0.21 -10.65 7.10
C MET A 322 -0.03 -9.15 7.12
N ASN A 323 -1.06 -8.39 7.50
CA ASN A 323 -0.97 -6.94 7.56
C ASN A 323 -0.62 -6.43 8.96
N GLU A 324 -0.23 -7.32 9.87
CA GLU A 324 0.22 -6.89 11.18
C GLU A 324 1.42 -5.97 11.05
N LYS A 325 1.41 -4.89 11.82
CA LYS A 325 2.45 -3.86 11.72
C LYS A 325 3.63 -4.26 12.59
N PHE A 326 4.54 -5.05 12.02
CA PHE A 326 5.71 -5.56 12.72
C PHE A 326 6.86 -4.57 12.75
N SER A 327 6.84 -3.55 11.92
CA SER A 327 7.99 -2.66 11.83
C SER A 327 7.75 -1.37 12.59
N PRO A 328 8.82 -0.75 13.09
CA PRO A 328 8.67 0.56 13.75
C PRO A 328 8.14 1.60 12.77
N LEU A 329 7.39 2.56 13.32
CA LEU A 329 6.86 3.67 12.55
C LEU A 329 7.26 4.97 13.23
N ARG A 330 7.41 6.02 12.43
CA ARG A 330 7.60 7.37 12.96
C ARG A 330 6.69 8.31 12.21
N VAL A 331 6.11 9.26 12.95
CA VAL A 331 5.11 10.20 12.46
C VAL A 331 5.75 11.58 12.38
N LYS A 332 5.68 12.20 11.20
CA LYS A 332 6.23 13.52 10.98
C LYS A 332 5.11 14.47 10.57
N PHE A 333 5.25 15.75 10.95
CA PHE A 333 4.19 16.71 10.69
C PHE A 333 4.77 18.06 10.29
N LYS A 334 3.91 18.88 9.70
CA LYS A 334 4.20 20.27 9.39
C LYS A 334 2.87 21.02 9.37
N VAL A 335 2.90 22.28 9.81
CA VAL A 335 1.68 23.06 10.05
C VAL A 335 1.80 24.41 9.37
N THR A 336 0.69 24.87 8.79
CA THR A 336 0.62 26.22 8.22
C THR A 336 -0.82 26.71 8.33
N GLU A 337 -0.97 28.03 8.27
CA GLU A 337 -2.26 28.68 8.47
C GLU A 337 -3.06 28.74 7.18
N VAL A 338 -4.38 28.68 7.31
CA VAL A 338 -5.31 28.63 6.18
C VAL A 338 -6.11 29.92 6.14
N ASN A 339 -6.24 30.49 4.94
CA ASN A 339 -7.13 31.62 4.72
C ASN A 339 -8.44 31.10 4.17
N PRO A 340 -9.55 31.19 4.91
CA PRO A 340 -10.83 30.64 4.41
C PRO A 340 -11.28 31.24 3.09
N GLU A 341 -11.08 32.55 2.89
CA GLU A 341 -11.48 33.18 1.64
C GLU A 341 -10.72 32.59 0.46
N ILE A 342 -9.42 32.38 0.61
CA ILE A 342 -8.63 31.74 -0.44
C ILE A 342 -9.15 30.34 -0.71
N ALA A 343 -9.41 29.58 0.35
CA ALA A 343 -9.86 28.20 0.19
C ALA A 343 -11.25 28.15 -0.44
N LEU A 344 -12.17 29.02 0.00
CA LEU A 344 -13.52 28.98 -0.55
C LEU A 344 -13.56 29.47 -1.99
N GLN A 345 -12.67 30.38 -2.36
CA GLN A 345 -12.60 30.82 -3.76
C GLN A 345 -11.97 29.75 -4.64
N ASN A 346 -10.93 29.09 -4.14
CA ASN A 346 -10.37 27.95 -4.88
C ASN A 346 -11.42 26.87 -5.11
N LEU A 347 -12.29 26.65 -4.11
CA LEU A 347 -13.34 25.65 -4.27
C LEU A 347 -14.42 26.15 -5.23
N GLU A 348 -14.77 27.43 -5.16
CA GLU A 348 -15.75 27.98 -6.08
C GLU A 348 -15.24 27.97 -7.53
N GLU A 349 -13.93 28.18 -7.72
CA GLU A 349 -13.38 28.15 -9.07
C GLU A 349 -13.49 26.77 -9.68
N VAL A 350 -13.30 25.73 -8.87
CA VAL A 350 -13.54 24.36 -9.34
C VAL A 350 -15.00 24.17 -9.70
N GLN A 351 -15.90 24.70 -8.87
CA GLN A 351 -17.33 24.60 -9.16
C GLN A 351 -17.68 25.31 -10.46
N GLU A 352 -17.09 26.49 -10.69
CA GLU A 352 -17.30 27.19 -11.95
C GLU A 352 -16.81 26.36 -13.13
N PHE A 353 -15.60 25.80 -13.01
CA PHE A 353 -15.06 24.94 -14.06
C PHE A 353 -15.99 23.76 -14.34
N ILE A 354 -16.54 23.15 -13.29
CA ILE A 354 -17.42 22.00 -13.46
C ILE A 354 -18.74 22.43 -14.09
N ASP A 355 -19.31 23.54 -13.61
CA ASP A 355 -20.61 23.97 -14.11
C ASP A 355 -20.55 24.43 -15.56
N THR A 356 -19.38 24.91 -16.01
CA THR A 356 -19.25 25.45 -17.36
C THR A 356 -18.94 24.37 -18.39
N ASN A 357 -18.03 23.45 -18.08
CA ASN A 357 -17.58 22.47 -19.07
C ASN A 357 -18.34 21.16 -19.02
N TYR A 358 -19.07 20.88 -17.93
CA TYR A 358 -19.81 19.62 -17.77
C TYR A 358 -21.13 19.93 -17.08
N PRO A 359 -22.04 20.60 -17.79
CA PRO A 359 -23.26 21.10 -17.14
C PRO A 359 -24.26 19.99 -16.85
N GLY A 360 -25.03 20.21 -15.79
CA GLY A 360 -26.04 19.24 -15.40
C GLY A 360 -26.83 19.78 -14.22
N GLU A 361 -28.04 19.22 -14.06
CA GLU A 361 -28.92 19.68 -12.98
C GLU A 361 -28.38 19.27 -11.61
N ASN A 362 -27.77 18.10 -11.52
CA ASN A 362 -27.22 17.60 -10.26
C ASN A 362 -25.81 17.08 -10.50
N ALA A 363 -25.11 16.79 -9.40
CA ALA A 363 -23.73 16.35 -9.50
C ALA A 363 -23.62 15.01 -10.24
N LYS A 364 -24.58 14.12 -10.02
CA LYS A 364 -24.51 12.79 -10.64
C LYS A 364 -24.50 12.87 -12.16
N ASP A 365 -25.30 13.77 -12.73
CA ASP A 365 -25.35 13.89 -14.19
C ASP A 365 -24.07 14.50 -14.74
N GLN A 366 -23.47 15.44 -14.02
CA GLN A 366 -22.23 16.06 -14.49
C GLN A 366 -21.09 15.05 -14.51
N CYS A 367 -21.02 14.16 -13.52
CA CYS A 367 -19.97 13.14 -13.52
C CYS A 367 -20.11 12.17 -14.68
N GLU A 368 -21.34 11.83 -15.07
CA GLU A 368 -21.52 10.89 -16.17
C GLU A 368 -21.13 11.53 -17.49
N LEU A 369 -21.47 12.81 -17.69
CA LEU A 369 -21.01 13.51 -18.87
C LEU A 369 -19.50 13.60 -18.90
N TYR A 370 -18.89 13.92 -17.76
CA TYR A 370 -17.43 13.96 -17.66
C TYR A 370 -16.82 12.62 -18.06
N LYS A 371 -17.41 11.52 -17.62
CA LYS A 371 -16.88 10.21 -17.96
C LYS A 371 -17.07 9.88 -19.43
N ILE A 372 -18.22 10.26 -20.00
CA ILE A 372 -18.47 10.02 -21.42
C ILE A 372 -17.47 10.79 -22.27
N LYS A 373 -17.26 12.07 -21.94
CA LYS A 373 -16.34 12.88 -22.72
C LYS A 373 -14.90 12.42 -22.54
N ALA A 374 -14.57 11.84 -21.38
CA ALA A 374 -13.26 11.24 -21.22
C ALA A 374 -13.14 9.95 -22.03
N GLN A 375 -14.23 9.18 -22.09
CA GLN A 375 -14.19 7.90 -22.79
C GLN A 375 -14.08 8.08 -24.30
N GLU A 376 -14.77 9.09 -24.85
CA GLU A 376 -14.72 9.28 -26.30
C GLU A 376 -13.38 9.86 -26.74
N ALA A 377 -12.73 10.66 -25.89
CA ALA A 377 -11.39 11.14 -26.21
C ALA A 377 -10.38 10.01 -26.16
N MET A 378 -10.56 9.06 -25.25
CA MET A 378 -9.70 7.88 -25.22
C MET A 378 -9.90 7.02 -26.46
N THR A 379 -11.16 6.85 -26.88
CA THR A 379 -11.43 6.11 -28.11
C THR A 379 -10.84 6.81 -29.33
N LYS A 380 -10.94 8.15 -29.36
CA LYS A 380 -10.49 8.90 -30.53
C LYS A 380 -8.98 8.78 -30.72
N GLN A 381 -8.21 8.83 -29.63
CA GLN A 381 -6.77 8.73 -29.77
C GLN A 381 -6.33 7.29 -30.01
N LEU A 382 -6.94 6.34 -29.31
CA LEU A 382 -6.64 4.93 -29.56
C LEU A 382 -6.91 4.56 -31.02
N GLU A 383 -8.00 5.07 -31.58
CA GLU A 383 -8.30 4.80 -32.99
C GLU A 383 -7.36 5.56 -33.91
N MET A 384 -6.94 6.76 -33.52
CA MET A 384 -6.01 7.54 -34.33
C MET A 384 -4.60 6.94 -34.34
N ARG A 385 -4.37 5.85 -33.60
CA ARG A 385 -3.10 5.16 -33.62
C ARG A 385 -3.23 3.67 -33.88
N LEU A 386 -4.44 3.15 -34.06
CA LEU A 386 -4.64 1.73 -34.26
C LEU A 386 -5.59 1.36 -35.40
N LEU A 387 -6.26 2.32 -36.03
CA LEU A 387 -7.17 2.01 -37.13
C LEU A 387 -6.52 2.32 -38.48
N GLY B 3 12.67 -35.11 2.76
CA GLY B 3 13.63 -34.11 3.17
C GLY B 3 13.01 -32.73 3.35
N LEU B 4 12.79 -32.34 4.61
CA LEU B 4 12.16 -31.07 4.93
C LEU B 4 13.14 -30.16 5.68
N PRO B 5 13.12 -28.87 5.40
CA PRO B 5 13.92 -27.95 6.22
C PRO B 5 13.41 -27.90 7.64
N ARG B 6 14.34 -27.61 8.57
CA ARG B 6 14.02 -27.67 9.98
C ARG B 6 12.94 -26.66 10.37
N ARG B 7 12.89 -25.52 9.70
CA ARG B 7 11.89 -24.50 10.02
C ARG B 7 10.48 -25.01 9.73
N ILE B 8 10.29 -25.73 8.62
CA ILE B 8 8.98 -26.25 8.27
C ILE B 8 8.52 -27.30 9.27
N ILE B 9 9.45 -28.14 9.74
CA ILE B 9 9.09 -29.23 10.64
C ILE B 9 8.53 -28.67 11.95
N LYS B 10 9.24 -27.70 12.54
CA LYS B 10 8.86 -27.18 13.84
C LYS B 10 7.66 -26.22 13.76
N GLU B 11 7.49 -25.53 12.64
CA GLU B 11 6.29 -24.71 12.46
C GLU B 11 5.05 -25.59 12.41
N THR B 12 5.14 -26.74 11.72
CA THR B 12 4.02 -27.68 11.68
C THR B 12 3.64 -28.14 13.07
N GLN B 13 4.63 -28.45 13.91
CA GLN B 13 4.34 -28.91 15.26
C GLN B 13 3.67 -27.81 16.09
N ARG B 14 4.19 -26.58 16.01
CA ARG B 14 3.56 -25.48 16.71
C ARG B 14 2.19 -25.16 16.12
N LEU B 15 1.97 -25.45 14.84
CA LEU B 15 0.69 -25.17 14.21
C LEU B 15 -0.40 -26.09 14.76
N LEU B 16 -0.05 -27.31 15.15
CA LEU B 16 -1.04 -28.24 15.70
C LEU B 16 -1.12 -28.17 17.21
N ALA B 17 -0.02 -27.89 17.90
CA ALA B 17 -0.07 -27.72 19.34
C ALA B 17 -0.78 -26.42 19.73
N GLU B 18 -0.75 -25.42 18.85
CA GLU B 18 -1.44 -24.15 19.07
C GLU B 18 -2.14 -23.75 17.78
N PRO B 19 -3.26 -24.40 17.46
CA PRO B 19 -3.96 -24.08 16.21
C PRO B 19 -4.69 -22.76 16.30
N VAL B 20 -4.68 -22.02 15.19
CA VAL B 20 -5.34 -20.71 15.13
C VAL B 20 -6.85 -20.90 15.31
N PRO B 21 -7.51 -20.10 16.16
CA PRO B 21 -8.92 -20.35 16.44
C PRO B 21 -9.79 -20.25 15.20
N GLY B 22 -10.82 -21.09 15.16
CA GLY B 22 -11.73 -21.15 14.03
C GLY B 22 -11.16 -21.79 12.79
N ILE B 23 -9.91 -22.27 12.83
CA ILE B 23 -9.25 -22.85 11.66
C ILE B 23 -8.57 -24.14 12.09
N LYS B 24 -8.71 -25.17 11.25
CA LYS B 24 -8.03 -26.45 11.45
C LYS B 24 -7.25 -26.79 10.20
N ALA B 25 -5.96 -27.08 10.37
CA ALA B 25 -5.08 -27.37 9.24
C ALA B 25 -4.21 -28.56 9.57
N GLU B 26 -4.04 -29.45 8.58
CA GLU B 26 -3.26 -30.67 8.72
C GLU B 26 -2.32 -30.81 7.53
N PRO B 27 -1.21 -31.52 7.71
CA PRO B 27 -0.34 -31.85 6.57
C PRO B 27 -0.89 -33.05 5.80
N ASP B 28 -0.35 -33.22 4.59
CA ASP B 28 -0.71 -34.35 3.75
C ASP B 28 0.16 -35.57 4.08
N GLU B 29 -0.42 -36.75 3.87
CA GLU B 29 0.26 -37.98 4.28
C GLU B 29 1.54 -38.21 3.47
N SER B 30 1.50 -37.97 2.17
CA SER B 30 2.68 -38.20 1.33
C SER B 30 3.65 -37.03 1.41
N ASN B 31 3.29 -35.90 0.80
CA ASN B 31 4.14 -34.71 0.81
C ASN B 31 3.74 -33.81 1.97
N ALA B 32 4.66 -33.63 2.92
CA ALA B 32 4.40 -32.82 4.10
C ALA B 32 4.41 -31.32 3.80
N ARG B 33 4.67 -30.92 2.56
CA ARG B 33 4.59 -29.51 2.18
C ARG B 33 3.19 -29.07 1.80
N TYR B 34 2.26 -30.01 1.64
CA TYR B 34 0.87 -29.72 1.30
C TYR B 34 0.01 -29.79 2.57
N PHE B 35 -0.87 -28.81 2.73
CA PHE B 35 -1.73 -28.71 3.91
C PHE B 35 -3.19 -28.68 3.50
N HIS B 36 -4.02 -29.40 4.24
CA HIS B 36 -5.47 -29.37 4.07
C HIS B 36 -6.06 -28.49 5.18
N VAL B 37 -6.69 -27.40 4.79
CA VAL B 37 -7.18 -26.39 5.73
C VAL B 37 -8.71 -26.38 5.73
N VAL B 38 -9.28 -26.07 6.90
CA VAL B 38 -10.72 -25.87 7.04
C VAL B 38 -10.92 -24.64 7.91
N ILE B 39 -11.62 -23.63 7.38
CA ILE B 39 -11.90 -22.40 8.10
C ILE B 39 -13.41 -22.33 8.37
N ALA B 40 -13.76 -21.93 9.59
CA ALA B 40 -15.16 -21.71 9.92
C ALA B 40 -15.60 -20.33 9.45
N GLY B 41 -16.86 -20.22 9.04
CA GLY B 41 -17.43 -18.96 8.66
C GLY B 41 -17.58 -18.05 9.87
N PRO B 42 -17.04 -16.83 9.77
CA PRO B 42 -17.02 -15.94 10.93
C PRO B 42 -18.42 -15.53 11.36
N GLN B 43 -18.54 -15.17 12.64
CA GLN B 43 -19.83 -14.78 13.19
C GLN B 43 -20.25 -13.41 12.67
N ASP B 44 -21.57 -13.23 12.54
CA ASP B 44 -22.19 -12.00 12.04
C ASP B 44 -21.74 -11.66 10.61
N SER B 45 -21.30 -12.66 9.87
CA SER B 45 -20.86 -12.51 8.49
C SER B 45 -21.77 -13.28 7.55
N PRO B 46 -21.74 -12.97 6.24
CA PRO B 46 -22.58 -13.73 5.30
C PRO B 46 -22.17 -15.19 5.17
N PHE B 47 -21.05 -15.61 5.76
CA PHE B 47 -20.58 -16.98 5.67
C PHE B 47 -20.74 -17.74 6.98
N GLU B 48 -21.49 -17.19 7.94
CA GLU B 48 -21.66 -17.85 9.23
C GLU B 48 -22.36 -19.19 9.07
N GLY B 49 -21.90 -20.19 9.83
CA GLY B 49 -22.44 -21.52 9.77
C GLY B 49 -21.81 -22.41 8.72
N GLY B 50 -20.79 -21.94 8.01
CA GLY B 50 -20.18 -22.66 6.92
C GLY B 50 -18.79 -23.14 7.25
N THR B 51 -18.37 -24.22 6.57
CA THR B 51 -17.04 -24.79 6.71
C THR B 51 -16.38 -24.79 5.34
N PHE B 52 -15.26 -24.09 5.21
CA PHE B 52 -14.61 -23.87 3.92
C PHE B 52 -13.26 -24.56 3.91
N LYS B 53 -13.06 -25.45 2.95
CA LYS B 53 -11.83 -26.22 2.82
C LYS B 53 -10.89 -25.54 1.84
N LEU B 54 -9.59 -25.58 2.15
CA LEU B 54 -8.55 -24.95 1.33
C LEU B 54 -7.38 -25.91 1.14
N GLU B 55 -6.45 -25.50 0.28
CA GLU B 55 -5.23 -26.24 0.02
C GLU B 55 -4.05 -25.28 0.07
N LEU B 56 -3.06 -25.61 0.89
CA LEU B 56 -1.89 -24.77 1.08
C LEU B 56 -0.63 -25.56 0.76
N PHE B 57 0.33 -24.90 0.10
CA PHE B 57 1.57 -25.54 -0.33
C PHE B 57 2.76 -24.66 0.05
N LEU B 58 3.85 -25.31 0.45
CA LEU B 58 5.07 -24.60 0.85
C LEU B 58 6.15 -24.82 -0.19
N PRO B 59 6.47 -23.82 -1.02
CA PRO B 59 7.51 -24.02 -2.03
C PRO B 59 8.88 -24.23 -1.42
N GLU B 60 9.83 -24.62 -2.27
CA GLU B 60 11.19 -24.89 -1.82
C GLU B 60 11.86 -23.66 -1.22
N GLU B 61 11.42 -22.46 -1.59
CA GLU B 61 12.01 -21.23 -1.10
C GLU B 61 11.41 -20.76 0.23
N TYR B 62 10.42 -21.47 0.77
CA TYR B 62 9.86 -21.10 2.06
C TYR B 62 10.93 -21.22 3.14
N PRO B 63 10.98 -20.26 4.10
CA PRO B 63 10.05 -19.15 4.28
C PRO B 63 10.46 -17.85 3.57
N MET B 64 11.49 -17.89 2.73
CA MET B 64 11.82 -16.71 1.93
C MET B 64 10.76 -16.41 0.89
N ALA B 65 9.88 -17.37 0.60
CA ALA B 65 8.77 -17.17 -0.32
C ALA B 65 7.47 -17.54 0.39
N ALA B 66 6.38 -16.88 -0.03
CA ALA B 66 5.09 -17.09 0.61
C ALA B 66 4.54 -18.47 0.26
N PRO B 67 3.68 -19.03 1.11
CA PRO B 67 2.97 -20.26 0.75
C PRO B 67 1.96 -19.99 -0.36
N LYS B 68 1.53 -21.07 -1.01
CA LYS B 68 0.57 -21.00 -2.09
C LYS B 68 -0.77 -21.55 -1.60
N VAL B 69 -1.83 -20.74 -1.75
CA VAL B 69 -3.14 -21.08 -1.23
C VAL B 69 -4.12 -21.22 -2.38
N ARG B 70 -5.19 -21.97 -2.12
CA ARG B 70 -6.28 -22.13 -3.09
C ARG B 70 -7.51 -22.63 -2.35
N PHE B 71 -8.67 -22.11 -2.73
CA PHE B 71 -9.93 -22.57 -2.15
C PHE B 71 -10.36 -23.88 -2.76
N MET B 72 -10.95 -24.75 -1.94
CA MET B 72 -11.55 -26.00 -2.42
C MET B 72 -13.05 -25.85 -2.61
N THR B 73 -13.77 -25.49 -1.54
CA THR B 73 -15.21 -25.30 -1.62
C THR B 73 -15.52 -23.97 -2.30
N LYS B 74 -16.58 -23.97 -3.11
CA LYS B 74 -16.97 -22.77 -3.84
C LYS B 74 -17.42 -21.68 -2.89
N ILE B 75 -16.85 -20.48 -3.05
CA ILE B 75 -17.13 -19.35 -2.17
C ILE B 75 -17.46 -18.13 -3.04
N TYR B 76 -18.48 -17.38 -2.63
CA TYR B 76 -18.86 -16.13 -3.29
C TYR B 76 -18.17 -15.00 -2.54
N HIS B 77 -17.08 -14.48 -3.11
CA HIS B 77 -16.26 -13.49 -2.47
C HIS B 77 -15.55 -12.66 -3.52
N PRO B 78 -15.48 -11.33 -3.35
CA PRO B 78 -14.83 -10.48 -4.37
C PRO B 78 -13.32 -10.65 -4.44
N ASN B 79 -12.70 -11.38 -3.52
CA ASN B 79 -11.26 -11.60 -3.53
C ASN B 79 -10.89 -13.02 -3.94
N VAL B 80 -11.86 -13.88 -4.23
CA VAL B 80 -11.61 -15.24 -4.67
C VAL B 80 -12.22 -15.43 -6.05
N ASP B 81 -11.45 -16.02 -6.96
CA ASP B 81 -11.88 -16.19 -8.33
C ASP B 81 -12.54 -17.54 -8.53
N LYS B 82 -12.79 -17.93 -9.78
CA LYS B 82 -13.43 -19.19 -10.09
C LYS B 82 -12.51 -20.38 -9.86
N LEU B 83 -11.20 -20.17 -9.85
CA LEU B 83 -10.22 -21.24 -9.64
C LEU B 83 -9.84 -21.41 -8.18
N GLY B 84 -10.35 -20.56 -7.29
CA GLY B 84 -9.96 -20.60 -5.90
C GLY B 84 -8.78 -19.73 -5.55
N ARG B 85 -8.22 -19.01 -6.52
CA ARG B 85 -7.10 -18.13 -6.23
C ARG B 85 -7.57 -16.90 -5.46
N ILE B 86 -6.78 -16.50 -4.48
CA ILE B 86 -7.11 -15.39 -3.59
C ILE B 86 -6.20 -14.21 -3.91
N CYS B 87 -6.75 -13.01 -3.79
CA CYS B 87 -6.00 -11.77 -3.98
C CYS B 87 -5.43 -11.32 -2.65
N LEU B 88 -4.10 -11.20 -2.58
CA LEU B 88 -3.43 -10.76 -1.37
C LEU B 88 -2.05 -10.19 -1.68
N ASP B 93 3.12 -9.13 -2.71
CA ASP B 93 4.47 -8.57 -2.63
C ASP B 93 4.75 -8.02 -1.24
N LYS B 94 3.92 -8.41 -0.26
CA LYS B 94 4.07 -7.97 1.11
C LYS B 94 4.44 -9.12 2.05
N TRP B 95 5.21 -10.09 1.56
CA TRP B 95 5.61 -11.25 2.32
C TRP B 95 6.97 -11.03 2.96
N SER B 96 7.06 -11.26 4.26
CA SER B 96 8.31 -11.23 4.99
C SER B 96 8.58 -12.62 5.58
N PRO B 97 9.85 -13.01 5.74
CA PRO B 97 10.13 -14.32 6.33
C PRO B 97 9.66 -14.45 7.78
N ALA B 98 9.37 -13.34 8.45
CA ALA B 98 8.84 -13.42 9.81
C ALA B 98 7.44 -14.01 9.84
N LEU B 99 6.68 -13.84 8.76
CA LEU B 99 5.36 -14.43 8.67
C LEU B 99 5.46 -15.96 8.57
N GLN B 100 4.31 -16.62 8.72
CA GLN B 100 4.27 -18.07 8.73
C GLN B 100 2.92 -18.53 8.19
N ILE B 101 2.62 -19.81 8.36
CA ILE B 101 1.39 -20.39 7.81
C ILE B 101 0.16 -19.79 8.50
N ARG B 102 0.18 -19.73 9.84
CA ARG B 102 -0.95 -19.18 10.57
C ARG B 102 -1.19 -17.71 10.22
N THR B 103 -0.14 -17.01 9.78
CA THR B 103 -0.30 -15.63 9.35
C THR B 103 -1.19 -15.55 8.11
N VAL B 104 -0.93 -16.41 7.13
CA VAL B 104 -1.72 -16.43 5.91
C VAL B 104 -3.16 -16.85 6.21
N LEU B 105 -3.34 -17.79 7.14
CA LEU B 105 -4.68 -18.27 7.45
C LEU B 105 -5.52 -17.20 8.13
N LEU B 106 -4.92 -16.46 9.07
CA LEU B 106 -5.65 -15.41 9.78
C LEU B 106 -6.13 -14.32 8.84
N SER B 107 -5.39 -14.06 7.76
CA SER B 107 -5.79 -13.02 6.81
C SER B 107 -6.94 -13.49 5.93
N ILE B 108 -6.92 -14.76 5.50
CA ILE B 108 -8.04 -15.30 4.74
C ILE B 108 -9.30 -15.29 5.60
N GLN B 109 -9.17 -15.72 6.85
CA GLN B 109 -10.30 -15.68 7.78
C GLN B 109 -10.82 -14.25 7.97
N ALA B 110 -9.92 -13.26 7.95
CA ALA B 110 -10.34 -11.89 8.09
C ALA B 110 -11.05 -11.36 6.85
N LEU B 111 -10.79 -11.95 5.68
CA LEU B 111 -11.48 -11.51 4.47
C LEU B 111 -12.94 -11.93 4.47
N LEU B 112 -13.27 -13.04 5.13
CA LEU B 112 -14.66 -13.43 5.28
C LEU B 112 -15.37 -12.60 6.34
N SER B 113 -14.65 -12.18 7.38
CA SER B 113 -15.26 -11.34 8.41
C SER B 113 -15.62 -9.96 7.89
N ALA B 114 -14.92 -9.50 6.85
CA ALA B 114 -15.21 -8.21 6.22
C ALA B 114 -15.09 -8.37 4.72
N PRO B 115 -16.09 -8.96 4.06
CA PRO B 115 -15.98 -9.26 2.64
C PRO B 115 -16.14 -8.05 1.72
N ASN B 116 -16.37 -6.86 2.25
CA ASN B 116 -16.56 -5.69 1.41
C ASN B 116 -15.29 -5.43 0.60
N PRO B 117 -15.41 -5.22 -0.71
CA PRO B 117 -14.21 -5.14 -1.56
C PRO B 117 -13.45 -3.84 -1.39
N ASP B 118 -12.15 -3.92 -1.60
CA ASP B 118 -11.29 -2.75 -1.59
C ASP B 118 -11.39 -1.99 -2.92
N ASP B 119 -11.00 -0.72 -2.87
CA ASP B 119 -11.07 0.11 -4.08
C ASP B 119 -10.24 -0.43 -5.24
N PRO B 120 -9.01 -0.93 -5.06
CA PRO B 120 -8.28 -1.47 -6.22
C PRO B 120 -8.95 -2.66 -6.88
N LEU B 121 -9.70 -3.46 -6.12
CA LEU B 121 -10.35 -4.63 -6.68
C LEU B 121 -11.29 -4.23 -7.81
N ALA B 122 -11.07 -4.80 -9.00
CA ALA B 122 -11.81 -4.42 -10.19
C ALA B 122 -12.36 -5.63 -10.95
N ASN B 123 -12.53 -6.77 -10.28
CA ASN B 123 -13.27 -7.87 -10.88
C ASN B 123 -14.77 -7.61 -10.76
N ASP B 124 -15.56 -8.43 -11.43
CA ASP B 124 -17.00 -8.16 -11.49
C ASP B 124 -17.75 -8.74 -10.29
N VAL B 125 -17.17 -9.74 -9.60
CA VAL B 125 -17.73 -10.12 -8.31
C VAL B 125 -17.55 -8.98 -7.31
N ALA B 126 -16.47 -8.21 -7.45
CA ALA B 126 -16.29 -7.01 -6.63
C ALA B 126 -17.16 -5.86 -7.10
N GLU B 127 -17.43 -5.78 -8.40
CA GLU B 127 -18.32 -4.75 -8.91
C GLU B 127 -19.75 -4.99 -8.47
N GLN B 128 -20.19 -6.25 -8.41
CA GLN B 128 -21.54 -6.55 -7.95
C GLN B 128 -21.68 -6.28 -6.45
N TRP B 129 -20.67 -6.66 -5.66
CA TRP B 129 -20.70 -6.39 -4.23
C TRP B 129 -20.72 -4.90 -3.93
N LYS B 130 -20.17 -4.09 -4.84
CA LYS B 130 -20.12 -2.65 -4.61
C LYS B 130 -21.47 -1.99 -4.89
N THR B 131 -22.07 -2.29 -6.04
CA THR B 131 -23.34 -1.66 -6.39
C THR B 131 -24.49 -2.22 -5.56
N ASN B 132 -24.85 -3.48 -5.77
CA ASN B 132 -25.95 -4.09 -5.04
C ASN B 132 -25.36 -5.01 -3.98
N GLU B 133 -24.87 -4.39 -2.90
CA GLU B 133 -24.27 -5.15 -1.80
C GLU B 133 -25.30 -6.07 -1.15
N ALA B 134 -26.55 -5.60 -1.01
CA ALA B 134 -27.58 -6.43 -0.40
C ALA B 134 -27.83 -7.69 -1.22
N GLN B 135 -27.83 -7.57 -2.55
CA GLN B 135 -28.04 -8.74 -3.40
C GLN B 135 -26.85 -9.68 -3.35
N ALA B 136 -25.64 -9.15 -3.20
CA ALA B 136 -24.45 -10.00 -3.17
C ALA B 136 -24.29 -10.70 -1.84
N ILE B 137 -24.73 -10.09 -0.74
CA ILE B 137 -24.61 -10.71 0.57
C ILE B 137 -25.52 -11.92 0.68
N GLU B 138 -26.70 -11.85 0.07
CA GLU B 138 -27.59 -13.01 0.08
C GLU B 138 -27.09 -14.11 -0.86
N THR B 139 -26.35 -13.75 -1.90
CA THR B 139 -25.70 -14.77 -2.73
C THR B 139 -24.59 -15.46 -1.96
N ALA B 140 -23.82 -14.70 -1.17
CA ALA B 140 -22.81 -15.30 -0.30
C ALA B 140 -23.47 -16.17 0.77
N ARG B 141 -24.62 -15.74 1.29
CA ARG B 141 -25.36 -16.56 2.24
C ARG B 141 -25.91 -17.81 1.55
N ALA B 142 -26.36 -17.69 0.31
CA ALA B 142 -26.90 -18.84 -0.41
C ALA B 142 -25.82 -19.88 -0.66
N TRP B 143 -24.68 -19.47 -1.20
CA TRP B 143 -23.62 -20.42 -1.55
C TRP B 143 -23.02 -21.07 -0.30
N THR B 144 -23.05 -20.37 0.84
CA THR B 144 -22.58 -20.97 2.09
C THR B 144 -23.43 -22.17 2.47
N ARG B 145 -24.74 -22.07 2.26
CA ARG B 145 -25.63 -23.19 2.57
C ARG B 145 -25.50 -24.32 1.55
N LEU B 146 -25.14 -23.99 0.31
CA LEU B 146 -25.03 -25.01 -0.73
C LEU B 146 -23.76 -25.84 -0.56
N TYR B 147 -22.60 -25.20 -0.57
CA TYR B 147 -21.33 -25.89 -0.72
C TYR B 147 -20.51 -25.97 0.57
N ALA B 148 -21.02 -25.44 1.68
CA ALA B 148 -20.22 -25.38 2.89
C ALA B 148 -21.01 -25.73 4.14
N MET B 149 -22.01 -26.62 4.02
CA MET B 149 -22.79 -27.00 5.19
C MET B 149 -23.09 -28.50 5.23
N ASN B 150 -22.34 -29.32 4.49
CA ASN B 150 -22.54 -30.75 4.49
C ASN B 150 -21.27 -31.50 4.12
N ASN B 151 -20.26 -30.75 3.66
CA ASN B 151 -18.99 -31.35 3.26
C ASN B 151 -18.15 -31.70 4.48
N MET C 1 21.65 11.30 -16.17
CA MET C 1 20.80 11.55 -17.33
C MET C 1 19.39 11.96 -16.90
N GLN C 2 18.67 12.61 -17.81
CA GLN C 2 17.31 13.01 -17.55
C GLN C 2 16.34 11.93 -18.00
N ILE C 3 15.29 11.71 -17.21
CA ILE C 3 14.13 10.95 -17.62
C ILE C 3 12.90 11.76 -17.25
N PHE C 4 11.80 11.48 -17.96
CA PHE C 4 10.54 12.19 -17.75
C PHE C 4 9.51 11.23 -17.16
N VAL C 5 8.77 11.73 -16.18
CA VAL C 5 7.69 10.99 -15.54
C VAL C 5 6.40 11.77 -15.76
N LYS C 6 5.44 11.14 -16.44
CA LYS C 6 4.19 11.78 -16.81
C LYS C 6 3.03 11.12 -16.08
N THR C 7 2.08 11.92 -15.64
CA THR C 7 0.92 11.44 -14.90
C THR C 7 -0.32 11.45 -15.77
N LEU C 8 -1.41 10.89 -15.22
CA LEU C 8 -2.67 10.85 -15.93
C LEU C 8 -3.27 12.24 -16.12
N THR C 9 -2.98 13.15 -15.21
CA THR C 9 -3.51 14.52 -15.28
C THR C 9 -2.69 15.44 -16.18
N GLY C 10 -1.70 14.90 -16.90
CA GLY C 10 -0.92 15.66 -17.84
C GLY C 10 0.38 16.21 -17.30
N LYS C 11 0.56 16.21 -15.98
CA LYS C 11 1.77 16.79 -15.41
C LYS C 11 2.99 15.94 -15.76
N THR C 12 4.10 16.63 -16.06
CA THR C 12 5.36 15.99 -16.43
C THR C 12 6.47 16.58 -15.58
N ILE C 13 7.29 15.72 -14.98
CA ILE C 13 8.43 16.16 -14.20
C ILE C 13 9.68 15.49 -14.73
N THR C 14 10.82 16.16 -14.55
CA THR C 14 12.11 15.66 -14.97
C THR C 14 12.89 15.17 -13.75
N LEU C 15 13.36 13.93 -13.81
CA LEU C 15 14.17 13.34 -12.76
C LEU C 15 15.60 13.15 -13.27
N GLU C 16 16.57 13.41 -12.40
CA GLU C 16 17.97 13.21 -12.71
C GLU C 16 18.40 11.85 -12.13
N VAL C 17 18.73 10.92 -13.00
CA VAL C 17 18.96 9.53 -12.61
C VAL C 17 20.15 8.97 -13.39
N GLU C 18 20.64 7.82 -12.90
CA GLU C 18 21.60 6.96 -13.58
C GLU C 18 20.87 5.71 -14.09
N PRO C 19 21.36 5.12 -15.18
CA PRO C 19 20.73 3.87 -15.67
C PRO C 19 20.71 2.75 -14.64
N SER C 20 21.63 2.77 -13.67
CA SER C 20 21.73 1.74 -12.65
C SER C 20 20.86 2.03 -11.43
N ASP C 21 20.13 3.13 -11.41
CA ASP C 21 19.34 3.49 -10.24
C ASP C 21 18.14 2.56 -10.09
N THR C 22 17.83 2.20 -8.85
CA THR C 22 16.73 1.29 -8.60
C THR C 22 15.39 2.01 -8.75
N ILE C 23 14.33 1.20 -8.89
CA ILE C 23 12.98 1.76 -8.97
C ILE C 23 12.63 2.46 -7.66
N GLU C 24 13.08 1.91 -6.53
CA GLU C 24 12.85 2.60 -5.26
C GLU C 24 13.59 3.92 -5.19
N ASN C 25 14.76 4.01 -5.85
CA ASN C 25 15.44 5.29 -5.96
C ASN C 25 14.60 6.30 -6.74
N VAL C 26 13.93 5.85 -7.81
CA VAL C 26 13.10 6.74 -8.60
C VAL C 26 11.87 7.18 -7.82
N LYS C 27 11.27 6.25 -7.06
CA LYS C 27 10.11 6.62 -6.25
C LYS C 27 10.46 7.59 -5.14
N ALA C 28 11.68 7.48 -4.58
CA ALA C 28 12.11 8.44 -3.58
C ALA C 28 12.28 9.83 -4.17
N LYS C 29 12.82 9.92 -5.39
CA LYS C 29 12.95 11.21 -6.04
C LYS C 29 11.59 11.81 -6.39
N ILE C 30 10.59 10.95 -6.65
CA ILE C 30 9.23 11.43 -6.83
C ILE C 30 8.66 11.91 -5.50
N GLN C 31 9.01 11.23 -4.41
CA GLN C 31 8.62 11.70 -3.08
C GLN C 31 9.19 13.08 -2.78
N ASP C 32 10.42 13.34 -3.24
CA ASP C 32 11.05 14.62 -2.97
C ASP C 32 10.33 15.75 -3.70
N LYS C 33 9.86 15.50 -4.92
CA LYS C 33 9.25 16.55 -5.73
C LYS C 33 7.74 16.66 -5.55
N GLU C 34 7.04 15.55 -5.31
CA GLU C 34 5.59 15.56 -5.19
C GLU C 34 5.09 15.19 -3.80
N GLY C 35 5.95 14.76 -2.89
CA GLY C 35 5.53 14.42 -1.55
C GLY C 35 4.67 13.18 -1.45
N ILE C 36 4.80 12.25 -2.40
CA ILE C 36 4.00 11.04 -2.45
C ILE C 36 4.82 9.90 -1.85
N PRO C 37 4.32 9.20 -0.85
CA PRO C 37 5.06 8.06 -0.28
C PRO C 37 5.39 7.04 -1.35
N PRO C 38 6.62 6.55 -1.39
CA PRO C 38 6.97 5.50 -2.37
C PRO C 38 6.07 4.28 -2.27
N ASP C 39 5.56 3.96 -1.08
CA ASP C 39 4.65 2.83 -0.93
C ASP C 39 3.32 3.05 -1.64
N GLN C 40 3.00 4.28 -2.04
CA GLN C 40 1.73 4.55 -2.70
C GLN C 40 1.96 5.16 -4.07
N GLN C 41 2.89 4.58 -4.84
CA GLN C 41 3.12 4.95 -6.23
C GLN C 41 3.27 3.69 -7.06
N ARG C 42 3.01 3.82 -8.36
CA ARG C 42 3.28 2.76 -9.33
C ARG C 42 3.88 3.39 -10.58
N LEU C 43 4.93 2.78 -11.11
CA LEU C 43 5.63 3.26 -12.29
C LEU C 43 5.46 2.29 -13.44
N ILE C 44 5.18 2.84 -14.63
CA ILE C 44 4.95 2.07 -15.84
C ILE C 44 5.89 2.57 -16.92
N PHE C 45 6.48 1.64 -17.68
CA PHE C 45 7.29 1.98 -18.84
C PHE C 45 6.87 1.10 -20.00
N ALA C 46 6.30 1.73 -21.05
CA ALA C 46 5.88 1.04 -22.26
C ALA C 46 4.88 -0.08 -21.95
N GLY C 47 3.90 0.24 -21.12
CA GLY C 47 2.85 -0.70 -20.77
C GLY C 47 3.22 -1.73 -19.73
N LYS C 48 4.50 -1.85 -19.37
CA LYS C 48 4.93 -2.85 -18.41
C LYS C 48 5.18 -2.20 -17.05
N GLN C 49 4.77 -2.88 -15.99
CA GLN C 49 4.92 -2.37 -14.64
C GLN C 49 6.35 -2.56 -14.14
N LEU C 50 6.89 -1.52 -13.51
CA LEU C 50 8.24 -1.56 -12.96
C LEU C 50 8.18 -2.03 -11.51
N GLU C 51 8.87 -3.13 -11.22
CA GLU C 51 8.89 -3.70 -9.89
C GLU C 51 9.94 -3.03 -9.02
N ASP C 52 9.69 -3.02 -7.71
CA ASP C 52 10.49 -2.21 -6.80
C ASP C 52 11.92 -2.72 -6.68
N GLY C 53 12.11 -4.03 -6.69
CA GLY C 53 13.44 -4.59 -6.53
C GLY C 53 14.35 -4.47 -7.73
N ARG C 54 13.87 -3.92 -8.85
CA ARG C 54 14.65 -3.87 -10.07
C ARG C 54 15.26 -2.49 -10.27
N THR C 55 15.99 -2.33 -11.36
CA THR C 55 16.63 -1.07 -11.73
C THR C 55 16.10 -0.59 -13.07
N LEU C 56 16.45 0.64 -13.42
CA LEU C 56 16.05 1.19 -14.72
C LEU C 56 16.70 0.43 -15.87
N SER C 57 17.88 -0.14 -15.64
CA SER C 57 18.56 -0.88 -16.70
C SER C 57 17.88 -2.22 -16.99
N ASP C 58 17.17 -2.77 -16.00
CA ASP C 58 16.47 -4.04 -16.21
C ASP C 58 15.34 -3.90 -17.23
N TYR C 59 14.89 -2.69 -17.50
CA TYR C 59 13.83 -2.44 -18.48
C TYR C 59 14.32 -1.65 -19.69
N ASN C 60 15.63 -1.47 -19.82
CA ASN C 60 16.23 -0.73 -20.93
C ASN C 60 15.70 0.69 -21.00
N ILE C 61 15.51 1.30 -19.83
CA ILE C 61 15.13 2.70 -19.73
C ILE C 61 16.38 3.55 -19.91
N GLN C 62 16.40 4.35 -20.97
CA GLN C 62 17.60 5.09 -21.35
C GLN C 62 17.38 6.59 -21.18
N LYS C 63 18.30 7.37 -21.76
CA LYS C 63 18.31 8.81 -21.59
C LYS C 63 17.08 9.44 -22.21
N GLU C 64 16.42 10.32 -21.45
CA GLU C 64 15.22 11.06 -21.88
C GLU C 64 14.05 10.15 -22.23
N SER C 65 14.00 8.96 -21.64
CA SER C 65 12.81 8.12 -21.75
C SER C 65 11.69 8.68 -20.88
N THR C 66 10.46 8.28 -21.19
CA THR C 66 9.28 8.75 -20.48
C THR C 66 8.65 7.60 -19.71
N LEU C 67 8.58 7.74 -18.39
CA LEU C 67 7.84 6.82 -17.54
C LEU C 67 6.45 7.37 -17.28
N HIS C 68 5.57 6.51 -16.77
CA HIS C 68 4.22 6.90 -16.40
C HIS C 68 4.02 6.64 -14.91
N LEU C 69 3.65 7.69 -14.17
CA LEU C 69 3.36 7.58 -12.75
C LEU C 69 1.87 7.30 -12.58
N VAL C 70 1.54 6.11 -12.11
CA VAL C 70 0.16 5.70 -11.88
C VAL C 70 -0.15 5.93 -10.41
N LEU C 71 -1.21 6.70 -10.13
CA LEU C 71 -1.60 7.06 -8.78
C LEU C 71 -2.94 6.48 -8.38
N ARG C 72 -3.38 5.43 -9.08
CA ARG C 72 -4.57 4.69 -8.69
C ARG C 72 -4.24 3.20 -8.82
N LEU C 73 -4.20 2.50 -7.70
CA LEU C 73 -3.92 1.06 -7.73
C LEU C 73 -5.16 0.31 -8.22
N ARG C 74 -4.96 -0.55 -9.22
CA ARG C 74 -6.03 -1.34 -9.80
C ARG C 74 -5.52 -2.78 -9.94
N GLY C 75 -5.98 -3.66 -9.06
CA GLY C 75 -5.54 -5.04 -9.09
C GLY C 75 -6.63 -6.03 -8.73
N CYS C 76 -6.60 -7.19 -9.37
CA CYS C 76 -7.55 -8.28 -9.16
C CYS C 76 -8.98 -7.92 -9.56
#